data_3D6F
#
_entry.id   3D6F
#
_cell.length_a   64.046
_cell.length_b   64.046
_cell.length_c   161.835
_cell.angle_alpha   90.00
_cell.angle_beta   90.00
_cell.angle_gamma   90.00
#
_symmetry.space_group_name_H-M   'P 43 21 2'
#
loop_
_entity.id
_entity.type
_entity.pdbx_description
1 polymer Caspase-1
2 polymer Caspase-1
3 polymer N-[(benzyloxy)carbonyl]-L-valyl-N-[(2S)-1-carboxy-4-fluoro-3-oxobutan-2-yl]-L-alaninamide
4 water water
#
loop_
_entity_poly.entity_id
_entity_poly.type
_entity_poly.pdbx_seq_one_letter_code
_entity_poly.pdbx_strand_id
1 'polypeptide(L)'
;MNPAMPTSSGSEGNVKLCSLEEAQRIWKQKSAEIYPIMDKSSRTRLALIICNEEFDSIPRRTGAEVDITGMTMLLQNLGY
SVDVKKNLTASDMTTELEAFAHRPEHKTSDSTFLVFMSHGIQEGICGKKHSEQVPDILQLNAIFNMLNTKNCPSLKDKPK
VIIIQACRGDSPGVVWFKD
;
A
2 'polypeptide(L)'
;MAIKKAHIEKDFIAFCSSTPDNVSWRHPTMGSVFIGRLIEHMQEYACSCDVEEIFRKVRFSFEQPDGRAQMPTTERVTLT
RCFYLFPGH
;
B
3 'polypeptide(L)' (PHQ)VAD(CF0) C
#
# COMPACT_ATOMS: atom_id res chain seq x y z
N THR A 7 3.81 -5.90 -25.23
CA THR A 7 4.22 -4.47 -25.37
C THR A 7 3.82 -3.62 -24.16
N SER A 8 4.70 -2.70 -23.78
CA SER A 8 4.50 -1.82 -22.63
C SER A 8 3.97 -0.43 -23.03
N SER A 9 3.43 -0.33 -24.24
CA SER A 9 2.90 0.93 -24.76
C SER A 9 1.47 1.21 -24.28
N GLY A 10 0.80 0.17 -23.80
CA GLY A 10 -0.59 0.28 -23.34
C GLY A 10 -0.77 0.91 -21.98
N SER A 11 -2.02 0.97 -21.53
CA SER A 11 -2.38 1.55 -20.25
C SER A 11 -1.82 0.76 -19.06
N GLU A 12 -1.65 -0.55 -19.24
CA GLU A 12 -1.16 -1.43 -18.18
C GLU A 12 0.37 -1.44 -18.07
N GLY A 13 1.04 -0.74 -18.98
CA GLY A 13 2.49 -0.59 -18.97
C GLY A 13 3.26 -1.89 -18.82
N ASN A 14 4.11 -1.95 -17.79
CA ASN A 14 4.95 -3.12 -17.51
C ASN A 14 4.29 -4.19 -16.64
N VAL A 15 3.00 -4.02 -16.36
CA VAL A 15 2.25 -5.04 -15.59
C VAL A 15 1.78 -6.13 -16.55
N LYS A 16 2.18 -7.36 -16.28
CA LYS A 16 1.80 -8.52 -17.09
C LYS A 16 0.29 -8.75 -17.05
N LEU A 17 -0.29 -8.96 -18.21
CA LEU A 17 -1.74 -9.07 -18.34
C LEU A 17 -2.27 -10.43 -17.91
N CYS A 18 -3.46 -10.42 -17.31
CA CYS A 18 -4.22 -11.63 -17.06
C CYS A 18 -5.06 -11.90 -18.29
N SER A 19 -4.83 -13.05 -18.94
CA SER A 19 -5.58 -13.40 -20.15
C SER A 19 -6.97 -13.92 -19.79
N LEU A 20 -7.80 -14.16 -20.80
CA LEU A 20 -9.15 -14.68 -20.61
C LEU A 20 -9.15 -16.10 -20.04
N GLU A 21 -8.20 -16.91 -20.48
CA GLU A 21 -8.04 -18.28 -19.99
C GLU A 21 -7.53 -18.32 -18.54
N GLU A 22 -6.63 -17.38 -18.23
CA GLU A 22 -6.08 -17.23 -16.88
C GLU A 22 -7.15 -16.76 -15.90
N ALA A 23 -7.98 -15.82 -16.34
CA ALA A 23 -9.06 -15.28 -15.52
C ALA A 23 -10.13 -16.31 -15.19
N GLN A 24 -10.47 -17.14 -16.18
CA GLN A 24 -11.48 -18.19 -15.99
C GLN A 24 -10.96 -19.34 -15.13
N ARG A 25 -9.65 -19.60 -15.21
CA ARG A 25 -9.00 -20.59 -14.34
C ARG A 25 -9.02 -20.12 -12.89
N ILE A 26 -8.82 -18.82 -12.69
CA ILE A 26 -8.91 -18.20 -11.36
C ILE A 26 -10.33 -18.31 -10.79
N TRP A 27 -11.33 -18.07 -11.64
CA TRP A 27 -12.74 -18.16 -11.24
C TRP A 27 -13.25 -19.59 -11.10
N LYS A 28 -12.48 -20.56 -11.59
CA LYS A 28 -12.83 -21.99 -11.48
C LYS A 28 -12.17 -22.67 -10.29
N GLN A 29 -10.92 -22.32 -10.02
CA GLN A 29 -10.16 -22.86 -8.89
C GLN A 29 -10.80 -22.49 -7.54
N LYS A 30 -11.40 -21.30 -7.50
CA LYS A 30 -12.08 -20.80 -6.30
C LYS A 30 -13.51 -20.38 -6.66
N SER A 31 -14.47 -20.83 -5.85
CA SER A 31 -15.89 -20.61 -6.13
C SER A 31 -16.33 -19.16 -5.87
N ALA A 32 -16.93 -18.93 -4.70
CA ALA A 32 -17.43 -17.60 -4.33
C ALA A 32 -16.53 -16.92 -3.29
N GLU A 33 -15.22 -17.02 -3.50
CA GLU A 33 -14.25 -16.48 -2.55
C GLU A 33 -13.27 -15.49 -3.20
N ILE A 34 -13.77 -14.76 -4.20
CA ILE A 34 -13.00 -13.70 -4.86
C ILE A 34 -13.80 -12.39 -4.82
N TYR A 35 -13.12 -11.28 -4.53
CA TYR A 35 -13.75 -9.97 -4.57
C TYR A 35 -14.19 -9.63 -6.00
N PRO A 36 -15.46 -9.19 -6.15
CA PRO A 36 -15.97 -8.85 -7.48
C PRO A 36 -15.34 -7.58 -8.03
N ILE A 37 -15.04 -7.59 -9.33
CA ILE A 37 -14.54 -6.40 -10.00
C ILE A 37 -15.62 -5.77 -10.88
N MET A 38 -15.68 -4.45 -10.86
CA MET A 38 -16.69 -3.72 -11.64
C MET A 38 -16.30 -3.61 -13.10
N ASP A 39 -17.27 -3.31 -13.94
CA ASP A 39 -17.05 -3.17 -15.38
C ASP A 39 -16.01 -2.09 -15.65
N LYS A 40 -15.03 -2.44 -16.49
CA LYS A 40 -13.89 -1.57 -16.81
C LYS A 40 -14.32 -0.25 -17.46
N SER A 41 -15.41 -0.29 -18.22
CA SER A 41 -15.90 0.88 -18.96
C SER A 41 -16.51 1.97 -18.06
N SER A 42 -17.05 1.56 -16.91
CA SER A 42 -17.81 2.47 -16.06
C SER A 42 -17.23 2.71 -14.66
N ARG A 43 -16.31 1.85 -14.22
CA ARG A 43 -15.74 1.96 -12.87
C ARG A 43 -14.82 3.18 -12.70
N THR A 44 -14.78 3.70 -11.47
CA THR A 44 -13.98 4.88 -11.14
C THR A 44 -13.08 4.60 -9.94
N ARG A 45 -12.04 3.79 -10.18
CA ARG A 45 -11.09 3.42 -9.14
C ARG A 45 -10.20 4.60 -8.72
N LEU A 46 -10.05 4.76 -7.40
CA LEU A 46 -9.21 5.80 -6.82
C LEU A 46 -8.09 5.21 -5.97
N ALA A 47 -6.93 5.86 -6.03
CA ALA A 47 -5.82 5.54 -5.15
C ALA A 47 -5.18 6.83 -4.64
N LEU A 48 -4.61 6.77 -3.44
CA LEU A 48 -3.98 7.92 -2.82
C LEU A 48 -2.55 7.61 -2.39
N ILE A 49 -1.62 8.49 -2.79
CA ILE A 49 -0.23 8.41 -2.33
C ILE A 49 0.11 9.66 -1.54
N ILE A 50 0.53 9.45 -0.29
CA ILE A 50 1.08 10.52 0.53
C ILE A 50 2.55 10.23 0.78
N CYS A 51 3.41 11.11 0.27
CA CYS A 51 4.85 10.94 0.40
C CYS A 51 5.50 12.19 0.96
N ASN A 52 6.24 12.02 2.06
CA ASN A 52 6.96 13.12 2.68
C ASN A 52 8.46 13.01 2.38
N GLU A 53 9.00 14.00 1.68
CA GLU A 53 10.44 14.03 1.33
C GLU A 53 11.20 15.15 2.05
N GLU A 54 10.65 16.37 2.00
CA GLU A 54 11.27 17.52 2.66
C GLU A 54 10.68 17.77 4.04
N PHE A 55 11.53 17.71 5.05
CA PHE A 55 11.12 17.87 6.45
C PHE A 55 11.79 19.10 7.08
N ASP A 56 11.18 19.61 8.15
CA ASP A 56 11.70 20.75 8.89
C ASP A 56 12.96 20.40 9.70
N SER A 57 12.90 19.29 10.42
CA SER A 57 13.93 18.96 11.43
C SER A 57 14.69 17.66 11.16
N ILE A 58 14.17 16.83 10.26
CA ILE A 58 14.80 15.54 9.96
C ILE A 58 15.28 15.43 8.51
N PRO A 59 16.33 14.60 8.25
CA PRO A 59 17.00 14.52 6.95
C PRO A 59 16.09 14.32 5.74
N ARG A 60 16.53 14.84 4.60
CA ARG A 60 15.80 14.74 3.34
C ARG A 60 15.76 13.30 2.83
N ARG A 61 14.58 12.84 2.44
CA ARG A 61 14.40 11.48 1.94
C ARG A 61 14.71 11.39 0.44
N THR A 62 16.01 11.43 0.13
CA THR A 62 16.48 11.37 -1.25
C THR A 62 16.12 10.02 -1.87
N GLY A 63 15.56 10.07 -3.08
CA GLY A 63 15.10 8.86 -3.77
C GLY A 63 13.60 8.66 -3.69
N ALA A 64 12.93 9.52 -2.93
CA ALA A 64 11.47 9.46 -2.76
C ALA A 64 10.72 9.69 -4.07
N GLU A 65 11.30 10.51 -4.95
CA GLU A 65 10.70 10.80 -6.25
C GLU A 65 10.63 9.55 -7.13
N VAL A 66 11.62 8.67 -6.97
CA VAL A 66 11.64 7.38 -7.65
C VAL A 66 10.48 6.51 -7.15
N ASP A 67 10.27 6.50 -5.84
CA ASP A 67 9.15 5.79 -5.22
C ASP A 67 7.81 6.31 -5.70
N ILE A 68 7.65 7.64 -5.70
CA ILE A 68 6.43 8.30 -6.17
C ILE A 68 6.12 7.90 -7.62
N THR A 69 7.11 8.04 -8.49
CA THR A 69 6.98 7.69 -9.91
C THR A 69 6.57 6.23 -10.10
N GLY A 70 7.31 5.32 -9.46
CA GLY A 70 7.05 3.89 -9.58
C GLY A 70 5.67 3.47 -9.12
N MET A 71 5.27 3.96 -7.95
CA MET A 71 3.96 3.62 -7.37
C MET A 71 2.80 4.25 -8.12
N THR A 72 2.95 5.52 -8.51
CA THR A 72 1.93 6.22 -9.29
C THR A 72 1.65 5.48 -10.61
N MET A 73 2.71 5.15 -11.33
CA MET A 73 2.57 4.45 -12.61
C MET A 73 1.98 3.06 -12.44
N LEU A 74 2.44 2.32 -11.42
CA LEU A 74 1.93 0.97 -11.14
C LEU A 74 0.43 0.98 -10.85
N LEU A 75 -0.01 1.88 -9.99
CA LEU A 75 -1.43 1.97 -9.62
C LEU A 75 -2.30 2.40 -10.80
N GLN A 76 -1.77 3.29 -11.65
CA GLN A 76 -2.42 3.64 -12.90
C GLN A 76 -2.52 2.44 -13.83
N ASN A 77 -1.41 1.71 -13.96
CA ASN A 77 -1.38 0.47 -14.74
C ASN A 77 -2.46 -0.51 -14.30
N LEU A 78 -2.72 -0.53 -12.99
CA LEU A 78 -3.71 -1.41 -12.39
C LEU A 78 -5.14 -0.86 -12.46
N GLY A 79 -5.30 0.33 -13.04
CA GLY A 79 -6.61 0.90 -13.31
C GLY A 79 -7.09 1.97 -12.33
N TYR A 80 -6.19 2.43 -11.46
CA TYR A 80 -6.54 3.43 -10.43
C TYR A 80 -6.16 4.84 -10.86
N SER A 81 -7.04 5.78 -10.59
CA SER A 81 -6.73 7.20 -10.73
C SER A 81 -6.03 7.67 -9.46
N VAL A 82 -4.81 8.17 -9.61
CA VAL A 82 -3.90 8.39 -8.48
C VAL A 82 -3.79 9.86 -8.08
N ASP A 83 -4.12 10.14 -6.83
CA ASP A 83 -3.93 11.45 -6.23
C ASP A 83 -2.61 11.41 -5.45
N VAL A 84 -1.72 12.35 -5.75
CA VAL A 84 -0.41 12.40 -5.10
C VAL A 84 -0.30 13.66 -4.24
N LYS A 85 -0.02 13.45 -2.96
CA LYS A 85 0.11 14.55 -2.00
C LYS A 85 1.47 14.47 -1.31
N LYS A 86 2.15 15.62 -1.20
CA LYS A 86 3.53 15.65 -0.72
C LYS A 86 3.74 16.60 0.46
N ASN A 87 4.66 16.20 1.33
CA ASN A 87 5.13 17.04 2.45
C ASN A 87 4.01 17.58 3.34
N LEU A 88 3.37 16.67 4.06
CA LEU A 88 2.22 17.01 4.89
C LEU A 88 2.51 16.76 6.36
N THR A 89 1.90 17.57 7.23
CA THR A 89 1.89 17.30 8.67
C THR A 89 0.92 16.15 8.93
N ALA A 90 0.98 15.58 10.14
CA ALA A 90 0.04 14.53 10.53
C ALA A 90 -1.41 15.00 10.47
N SER A 91 -1.63 16.28 10.78
CA SER A 91 -2.94 16.90 10.69
C SER A 91 -3.40 17.04 9.23
N ASP A 92 -2.47 17.41 8.36
CA ASP A 92 -2.73 17.51 6.92
C ASP A 92 -3.06 16.15 6.31
N MET A 93 -2.33 15.12 6.76
CA MET A 93 -2.58 13.75 6.33
C MET A 93 -3.97 13.27 6.74
N THR A 94 -4.38 13.61 7.96
CA THR A 94 -5.71 13.30 8.48
C THR A 94 -6.81 13.97 7.67
N THR A 95 -6.62 15.25 7.36
CA THR A 95 -7.55 16.02 6.54
C THR A 95 -7.66 15.43 5.13
N GLU A 96 -6.52 15.06 4.57
CA GLU A 96 -6.46 14.48 3.22
C GLU A 96 -7.13 13.11 3.15
N LEU A 97 -6.93 12.32 4.20
CA LEU A 97 -7.54 10.99 4.31
C LEU A 97 -9.05 11.09 4.47
N GLU A 98 -9.49 12.11 5.20
CA GLU A 98 -10.92 12.38 5.40
C GLU A 98 -11.57 12.80 4.07
N ALA A 99 -10.89 13.66 3.32
CA ALA A 99 -11.35 14.08 2.00
C ALA A 99 -11.42 12.90 1.03
N PHE A 100 -10.41 12.04 1.07
CA PHE A 100 -10.36 10.85 0.22
C PHE A 100 -11.52 9.90 0.48
N ALA A 101 -11.86 9.71 1.77
CA ALA A 101 -12.99 8.86 2.17
C ALA A 101 -14.35 9.43 1.72
N HIS A 102 -14.39 10.73 1.47
CA HIS A 102 -15.61 11.43 1.05
C HIS A 102 -15.79 11.53 -0.47
N ARG A 103 -14.82 11.00 -1.22
CA ARG A 103 -14.85 11.10 -2.69
C ARG A 103 -16.02 10.30 -3.28
N PRO A 104 -16.79 10.92 -4.20
CA PRO A 104 -17.95 10.26 -4.81
C PRO A 104 -17.59 9.06 -5.70
N GLU A 105 -16.34 8.98 -6.15
CA GLU A 105 -15.90 7.91 -7.05
C GLU A 105 -15.86 6.52 -6.41
N HIS A 106 -15.67 6.46 -5.09
CA HIS A 106 -15.63 5.18 -4.36
C HIS A 106 -16.92 4.37 -4.51
N LYS A 107 -18.05 5.08 -4.64
CA LYS A 107 -19.37 4.47 -4.83
C LYS A 107 -19.42 3.63 -6.10
N THR A 108 -18.75 4.09 -7.15
CA THR A 108 -18.66 3.36 -8.41
C THR A 108 -17.26 2.74 -8.60
N SER A 109 -16.64 2.36 -7.49
CA SER A 109 -15.35 1.68 -7.49
C SER A 109 -15.47 0.33 -6.77
N ASP A 110 -14.52 -0.56 -7.01
CA ASP A 110 -14.56 -1.90 -6.42
C ASP A 110 -13.47 -2.12 -5.36
N SER A 111 -12.59 -1.13 -5.20
CA SER A 111 -11.40 -1.26 -4.35
C SER A 111 -10.66 0.06 -4.22
N THR A 112 -9.67 0.10 -3.33
CA THR A 112 -8.79 1.25 -3.20
C THR A 112 -7.39 0.86 -2.70
N PHE A 113 -6.41 1.69 -3.06
CA PHE A 113 -5.05 1.59 -2.54
C PHE A 113 -4.67 2.90 -1.86
N LEU A 114 -4.09 2.79 -0.67
CA LEU A 114 -3.52 3.93 0.05
C LEU A 114 -2.03 3.66 0.28
N VAL A 115 -1.20 4.60 -0.18
CA VAL A 115 0.25 4.46 -0.03
C VAL A 115 0.81 5.60 0.82
N PHE A 116 1.56 5.24 1.87
CA PHE A 116 2.21 6.21 2.75
C PHE A 116 3.71 5.97 2.75
N MET A 117 4.48 7.03 2.48
CA MET A 117 5.94 6.93 2.43
C MET A 117 6.57 8.12 3.14
N SER A 118 7.30 7.82 4.22
CA SER A 118 7.89 8.88 5.05
C SER A 118 8.95 8.31 5.99
N HIS A 119 9.55 9.18 6.80
CA HIS A 119 10.31 8.75 7.95
C HIS A 119 9.34 8.15 8.95
N GLY A 120 9.81 7.19 9.74
CA GLY A 120 8.95 6.52 10.70
C GLY A 120 9.64 6.21 12.01
N ILE A 121 8.84 6.22 13.08
CA ILE A 121 9.31 5.78 14.39
C ILE A 121 8.39 4.68 14.91
N GLN A 122 8.67 4.20 16.12
CA GLN A 122 7.89 3.13 16.75
C GLN A 122 6.39 3.44 16.77
N GLU A 123 6.06 4.70 17.07
CA GLU A 123 4.69 5.16 17.23
C GLU A 123 3.88 5.26 15.93
N GLY A 124 4.57 5.50 14.82
CA GLY A 124 3.89 5.61 13.52
C GLY A 124 4.65 6.38 12.45
N ILE A 125 3.91 7.10 11.62
CA ILE A 125 4.44 7.77 10.43
C ILE A 125 4.67 9.27 10.70
N CYS A 126 5.86 9.75 10.36
CA CYS A 126 6.26 11.14 10.63
C CYS A 126 5.68 12.15 9.64
N GLY A 127 5.15 13.25 10.16
CA GLY A 127 4.75 14.40 9.36
C GLY A 127 5.94 15.32 9.12
N LYS A 128 5.74 16.32 8.27
CA LYS A 128 6.83 17.22 7.84
C LYS A 128 7.49 18.01 8.99
N LYS A 129 6.73 18.27 10.05
CA LYS A 129 7.20 19.09 11.16
C LYS A 129 7.77 18.29 12.34
N HIS A 130 7.90 16.97 12.16
CA HIS A 130 8.31 16.08 13.25
C HIS A 130 9.69 16.36 13.82
N SER A 131 9.77 16.38 15.14
CA SER A 131 11.02 16.39 15.88
C SER A 131 10.86 15.56 17.14
N GLU A 132 11.98 15.17 17.76
CA GLU A 132 11.96 14.39 18.99
C GLU A 132 11.30 15.18 20.14
N GLN A 133 11.49 16.49 20.13
CA GLN A 133 10.90 17.38 21.13
C GLN A 133 9.39 17.52 20.94
N VAL A 134 8.99 17.87 19.72
CA VAL A 134 7.58 18.02 19.37
C VAL A 134 7.21 17.03 18.26
N PRO A 135 6.69 15.85 18.63
CA PRO A 135 6.33 14.81 17.66
C PRO A 135 5.19 15.21 16.74
N ASP A 136 5.28 14.77 15.50
CA ASP A 136 4.23 14.96 14.50
C ASP A 136 3.99 13.63 13.82
N ILE A 137 3.10 12.83 14.42
CA ILE A 137 2.94 11.42 14.04
C ILE A 137 1.50 11.07 13.64
N LEU A 138 1.37 10.39 12.51
CA LEU A 138 0.12 9.74 12.13
C LEU A 138 0.22 8.25 12.47
N GLN A 139 -0.74 7.78 13.26
CA GLN A 139 -0.78 6.37 13.67
C GLN A 139 -1.50 5.53 12.62
N LEU A 140 -1.05 4.28 12.46
CA LEU A 140 -1.68 3.33 11.54
C LEU A 140 -3.16 3.12 11.89
N ASN A 141 -3.46 3.10 13.19
CA ASN A 141 -4.83 2.94 13.67
C ASN A 141 -5.80 3.99 13.13
N ALA A 142 -5.30 5.21 12.97
CA ALA A 142 -6.09 6.34 12.45
C ALA A 142 -6.46 6.13 10.98
N ILE A 143 -5.51 5.60 10.20
CA ILE A 143 -5.72 5.29 8.79
C ILE A 143 -6.89 4.32 8.62
N PHE A 144 -6.85 3.21 9.37
CA PHE A 144 -7.92 2.21 9.37
C PHE A 144 -9.26 2.82 9.78
N ASN A 145 -9.25 3.56 10.88
CA ASN A 145 -10.47 4.21 11.40
C ASN A 145 -11.13 5.12 10.36
N MET A 146 -10.32 5.92 9.66
CA MET A 146 -10.83 6.88 8.69
C MET A 146 -11.39 6.22 7.42
N LEU A 147 -10.97 4.98 7.15
CA LEU A 147 -11.39 4.27 5.95
C LEU A 147 -12.38 3.13 6.21
N ASN A 148 -12.77 2.94 7.47
CA ASN A 148 -13.68 1.83 7.81
C ASN A 148 -15.13 2.07 7.37
N THR A 149 -16.02 1.11 7.66
CA THR A 149 -17.40 1.15 7.18
C THR A 149 -18.19 2.35 7.72
N LYS A 150 -17.83 2.79 8.94
CA LYS A 150 -18.47 3.93 9.58
C LYS A 150 -18.08 5.24 8.90
N ASN A 151 -16.76 5.46 8.75
CA ASN A 151 -16.23 6.72 8.21
C ASN A 151 -16.10 6.76 6.70
N CYS A 152 -16.15 5.60 6.06
CA CYS A 152 -16.16 5.50 4.60
C CYS A 152 -17.11 4.39 4.14
N PRO A 153 -18.44 4.64 4.26
CA PRO A 153 -19.44 3.65 3.86
C PRO A 153 -19.41 3.26 2.38
N SER A 154 -18.86 4.12 1.53
CA SER A 154 -18.76 3.85 0.09
C SER A 154 -17.80 2.71 -0.25
N LEU A 155 -16.88 2.40 0.66
CA LEU A 155 -15.93 1.30 0.47
C LEU A 155 -16.30 0.03 1.25
N LYS A 156 -17.53 0.00 1.77
CA LYS A 156 -18.08 -1.20 2.40
C LYS A 156 -17.97 -2.40 1.46
N ASP A 157 -17.45 -3.50 1.98
CA ASP A 157 -17.29 -4.77 1.25
C ASP A 157 -16.23 -4.75 0.14
N LYS A 158 -15.45 -3.68 0.08
CA LYS A 158 -14.45 -3.50 -0.97
C LYS A 158 -13.04 -3.51 -0.38
N PRO A 159 -12.09 -4.19 -1.06
CA PRO A 159 -10.72 -4.28 -0.56
C PRO A 159 -10.06 -2.91 -0.43
N LYS A 160 -9.47 -2.67 0.73
CA LYS A 160 -8.74 -1.43 0.99
C LYS A 160 -7.31 -1.83 1.36
N VAL A 161 -6.39 -1.57 0.42
CA VAL A 161 -5.00 -1.98 0.56
C VAL A 161 -4.15 -0.79 1.02
N ILE A 162 -3.52 -0.94 2.18
CA ILE A 162 -2.68 0.10 2.76
C ILE A 162 -1.21 -0.33 2.67
N ILE A 163 -0.40 0.49 2.02
CA ILE A 163 1.03 0.22 1.85
C ILE A 163 1.83 1.30 2.59
N ILE A 164 2.72 0.88 3.49
CA ILE A 164 3.50 1.83 4.27
C ILE A 164 5.01 1.59 4.18
N GLN A 165 5.70 2.56 3.59
CA GLN A 165 7.16 2.61 3.61
C GLN A 165 7.60 3.58 4.71
N ALA A 166 8.22 3.03 5.76
CA ALA A 166 8.75 3.79 6.88
C ALA A 166 9.44 2.86 7.87
N CYS A 167 10.43 3.38 8.59
CA CYS A 167 11.02 2.65 9.72
C CYS A 167 9.95 2.51 10.80
N ARG A 168 10.12 1.50 11.64
CA ARG A 168 9.20 1.26 12.74
C ARG A 168 9.96 1.28 14.07
N GLY A 169 11.14 1.88 14.04
CA GLY A 169 12.04 1.94 15.18
C GLY A 169 13.49 2.09 14.72
N ASP A 170 14.41 2.00 15.68
CA ASP A 170 15.85 2.23 15.42
C ASP A 170 16.64 0.95 15.15
N SER A 171 16.06 -0.20 15.46
CA SER A 171 16.78 -1.48 15.44
C SER A 171 17.06 -2.01 14.03
N PRO A 172 18.20 -2.70 13.86
CA PRO A 172 18.61 -3.26 12.56
C PRO A 172 17.77 -4.46 12.12
N GLY A 173 17.00 -5.02 13.05
CA GLY A 173 16.11 -6.14 12.75
C GLY A 173 16.79 -7.47 12.54
N VAL A 174 17.99 -7.62 13.12
CA VAL A 174 18.79 -8.83 12.95
C VAL A 174 19.36 -9.38 14.25
N VAL A 175 19.66 -10.67 14.24
CA VAL A 175 20.37 -11.35 15.32
C VAL A 175 21.39 -12.28 14.68
N TRP A 176 22.49 -12.55 15.39
CA TRP A 176 23.53 -13.46 14.89
C TRP A 176 23.25 -14.91 15.27
N PHE A 177 23.68 -15.82 14.41
CA PHE A 177 23.71 -17.26 14.71
C PHE A 177 24.94 -17.89 14.07
N LYS A 178 25.41 -19.01 14.64
CA LYS A 178 26.52 -19.74 14.04
C LYS A 178 26.02 -20.97 13.27
N ASP A 179 26.66 -21.24 12.13
CA ASP A 179 26.33 -22.40 11.31
C ASP A 179 27.04 -23.66 11.79
N ALA B 2 -35.37 -0.62 5.30
CA ALA B 2 -34.99 -1.05 6.68
C ALA B 2 -33.48 -0.96 6.90
N ILE B 3 -33.07 -0.96 8.17
CA ILE B 3 -31.66 -0.90 8.52
C ILE B 3 -31.08 -2.28 8.82
N LYS B 4 -29.81 -2.47 8.45
CA LYS B 4 -29.10 -3.72 8.70
C LYS B 4 -27.72 -3.44 9.31
N LYS B 5 -27.19 -4.44 10.01
CA LYS B 5 -25.87 -4.33 10.62
C LYS B 5 -24.76 -4.72 9.64
N ALA B 6 -23.66 -3.99 9.70
CA ALA B 6 -22.45 -4.34 8.96
C ALA B 6 -21.25 -4.24 9.88
N HIS B 7 -20.25 -5.08 9.67
CA HIS B 7 -18.99 -5.00 10.41
C HIS B 7 -18.38 -3.62 10.22
N ILE B 8 -17.95 -3.01 11.32
CA ILE B 8 -17.33 -1.69 11.27
C ILE B 8 -15.98 -1.73 10.52
N GLU B 9 -15.25 -2.82 10.70
CA GLU B 9 -13.95 -2.99 10.08
C GLU B 9 -13.86 -4.33 9.37
N LYS B 10 -13.74 -4.28 8.04
CA LYS B 10 -13.66 -5.47 7.20
C LYS B 10 -13.01 -5.11 5.87
N ASP B 11 -12.42 -6.12 5.21
CA ASP B 11 -11.84 -5.99 3.86
C ASP B 11 -10.60 -5.09 3.80
N PHE B 12 -9.85 -5.06 4.90
CA PHE B 12 -8.59 -4.33 4.96
C PHE B 12 -7.41 -5.28 4.81
N ILE B 13 -6.32 -4.76 4.24
CA ILE B 13 -5.01 -5.37 4.35
C ILE B 13 -3.95 -4.26 4.37
N ALA B 14 -3.04 -4.34 5.33
CA ALA B 14 -1.90 -3.43 5.38
C ALA B 14 -0.61 -4.18 5.14
N PHE B 15 0.34 -3.52 4.47
CA PHE B 15 1.63 -4.11 4.17
C PHE B 15 2.72 -3.10 4.52
N CYS B 16 3.45 -3.37 5.59
CA CYS B 16 4.50 -2.47 6.09
C CYS B 16 5.88 -2.92 5.64
N SER B 17 6.78 -1.95 5.49
CA SER B 17 8.13 -2.19 4.95
C SER B 17 9.06 -3.00 5.86
N SER B 18 8.76 -3.05 7.15
CA SER B 18 9.56 -3.80 8.12
C SER B 18 8.74 -4.34 9.28
N THR B 19 9.37 -5.13 10.15
CA THR B 19 8.76 -5.62 11.38
C THR B 19 8.79 -4.51 12.45
N PRO B 20 7.87 -4.60 13.45
CA PRO B 20 7.89 -3.61 14.54
C PRO B 20 9.27 -3.47 15.19
N ASP B 21 9.60 -2.24 15.59
CA ASP B 21 10.90 -1.86 16.21
C ASP B 21 12.05 -1.67 15.20
N ASN B 22 11.84 -2.10 13.96
CA ASN B 22 12.94 -2.23 13.00
C ASN B 22 12.95 -1.25 11.82
N VAL B 23 14.15 -0.99 11.31
CA VAL B 23 14.37 -0.05 10.22
C VAL B 23 13.91 -0.58 8.86
N SER B 24 13.62 0.35 7.96
CA SER B 24 13.38 0.06 6.55
C SER B 24 14.38 0.89 5.74
N TRP B 25 14.84 0.32 4.63
CA TRP B 25 15.93 0.94 3.86
C TRP B 25 15.47 1.65 2.59
N ARG B 26 16.18 2.74 2.28
CA ARG B 26 15.92 3.54 1.08
C ARG B 26 17.23 3.98 0.44
N HIS B 27 17.42 3.59 -0.82
CA HIS B 27 18.59 3.98 -1.60
C HIS B 27 18.37 5.39 -2.17
N PRO B 28 19.39 6.28 -2.04
CA PRO B 28 19.31 7.67 -2.48
C PRO B 28 18.95 7.89 -3.96
N THR B 29 19.32 6.96 -4.83
CA THR B 29 19.00 7.07 -6.26
C THR B 29 18.05 5.99 -6.76
N MET B 30 18.09 4.81 -6.15
CA MET B 30 17.26 3.69 -6.55
C MET B 30 15.88 3.67 -5.88
N GLY B 31 15.76 4.41 -4.78
CA GLY B 31 14.51 4.50 -4.03
C GLY B 31 14.43 3.51 -2.88
N SER B 32 13.24 3.40 -2.30
CA SER B 32 13.00 2.49 -1.18
C SER B 32 12.98 1.04 -1.68
N VAL B 33 13.73 0.17 -0.99
CA VAL B 33 13.87 -1.22 -1.41
C VAL B 33 12.53 -1.97 -1.38
N PHE B 34 11.73 -1.73 -0.34
CA PHE B 34 10.41 -2.34 -0.21
C PHE B 34 9.49 -1.92 -1.35
N ILE B 35 9.49 -0.61 -1.66
CA ILE B 35 8.66 -0.07 -2.73
C ILE B 35 9.05 -0.67 -4.09
N GLY B 36 10.35 -0.64 -4.40
CA GLY B 36 10.86 -1.22 -5.65
C GLY B 36 10.56 -2.70 -5.78
N ARG B 37 10.72 -3.44 -4.68
CA ARG B 37 10.45 -4.86 -4.64
C ARG B 37 8.96 -5.17 -4.82
N LEU B 38 8.10 -4.33 -4.24
CA LEU B 38 6.65 -4.48 -4.36
C LEU B 38 6.19 -4.29 -5.80
N ILE B 39 6.67 -3.22 -6.44
CA ILE B 39 6.34 -2.92 -7.84
C ILE B 39 6.72 -4.10 -8.75
N GLU B 40 7.95 -4.59 -8.61
CA GLU B 40 8.44 -5.72 -9.38
C GLU B 40 7.52 -6.94 -9.26
N HIS B 41 7.15 -7.29 -8.04
CA HIS B 41 6.26 -8.42 -7.77
C HIS B 41 4.83 -8.20 -8.26
N MET B 42 4.32 -6.98 -8.12
CA MET B 42 3.00 -6.64 -8.63
C MET B 42 2.96 -6.72 -10.16
N GLN B 43 4.01 -6.21 -10.82
CA GLN B 43 4.11 -6.29 -12.27
C GLN B 43 4.12 -7.74 -12.77
N GLU B 44 4.85 -8.60 -12.05
CA GLU B 44 5.01 -9.99 -12.43
C GLU B 44 3.81 -10.86 -12.07
N TYR B 45 3.25 -10.67 -10.87
CA TYR B 45 2.30 -11.63 -10.30
C TYR B 45 0.84 -11.18 -10.17
N ALA B 46 0.54 -9.93 -10.51
CA ALA B 46 -0.85 -9.44 -10.43
C ALA B 46 -1.80 -10.25 -11.31
N CYS B 47 -1.27 -10.76 -12.42
CA CYS B 47 -2.05 -11.55 -13.39
C CYS B 47 -2.48 -12.92 -12.88
N SER B 48 -1.72 -13.47 -11.93
CA SER B 48 -1.88 -14.87 -11.54
C SER B 48 -2.13 -15.09 -10.04
N CYS B 49 -1.79 -14.10 -9.23
CA CYS B 49 -1.87 -14.23 -7.76
C CYS B 49 -2.73 -13.15 -7.13
N ASP B 50 -3.43 -13.50 -6.05
CA ASP B 50 -4.15 -12.52 -5.24
C ASP B 50 -3.17 -11.70 -4.40
N VAL B 51 -3.61 -10.57 -3.88
CA VAL B 51 -2.71 -9.64 -3.18
C VAL B 51 -1.99 -10.23 -1.97
N GLU B 52 -2.69 -11.06 -1.19
CA GLU B 52 -2.10 -11.73 -0.03
C GLU B 52 -0.93 -12.63 -0.47
N GLU B 53 -1.12 -13.35 -1.57
CA GLU B 53 -0.08 -14.19 -2.16
C GLU B 53 1.12 -13.38 -2.63
N ILE B 54 0.85 -12.26 -3.31
CA ILE B 54 1.89 -11.38 -3.83
C ILE B 54 2.74 -10.83 -2.68
N PHE B 55 2.09 -10.35 -1.62
CA PHE B 55 2.78 -9.81 -0.46
C PHE B 55 3.68 -10.86 0.21
N ARG B 56 3.19 -12.10 0.26
CA ARG B 56 3.98 -13.22 0.78
C ARG B 56 5.24 -13.44 -0.06
N LYS B 57 5.10 -13.39 -1.38
CA LYS B 57 6.25 -13.49 -2.29
C LYS B 57 7.26 -12.36 -2.07
N VAL B 58 6.76 -11.16 -1.82
CA VAL B 58 7.61 -10.01 -1.47
C VAL B 58 8.39 -10.31 -0.18
N ARG B 59 7.70 -10.84 0.83
CA ARG B 59 8.36 -11.21 2.10
C ARG B 59 9.46 -12.24 1.87
N PHE B 60 9.18 -13.24 1.04
CA PHE B 60 10.15 -14.29 0.73
C PHE B 60 11.40 -13.74 0.07
N SER B 61 11.25 -12.74 -0.79
CA SER B 61 12.38 -12.12 -1.50
C SER B 61 13.36 -11.40 -0.55
N PHE B 62 12.90 -11.11 0.66
CA PHE B 62 13.71 -10.47 1.68
C PHE B 62 14.33 -11.45 2.68
N GLU B 63 14.05 -12.74 2.49
CA GLU B 63 14.39 -13.77 3.48
C GLU B 63 15.87 -13.85 3.86
N GLN B 64 16.75 -13.73 2.88
CA GLN B 64 18.20 -13.78 3.13
C GLN B 64 18.72 -12.39 3.48
N PRO B 65 19.09 -12.17 4.76
CA PRO B 65 19.48 -10.85 5.22
C PRO B 65 20.90 -10.47 4.81
N ASP B 66 21.06 -9.25 4.32
CA ASP B 66 22.38 -8.70 4.00
C ASP B 66 22.75 -7.61 5.01
N GLY B 67 23.59 -6.66 4.59
CA GLY B 67 24.00 -5.54 5.44
C GLY B 67 22.87 -4.57 5.72
N ARG B 68 21.87 -4.57 4.83
CA ARG B 68 20.68 -3.75 4.98
C ARG B 68 19.42 -4.63 4.99
N ALA B 69 19.19 -5.31 6.10
CA ALA B 69 18.10 -6.28 6.22
C ALA B 69 16.79 -5.65 6.68
N GLN B 70 15.68 -6.22 6.21
CA GLN B 70 14.34 -5.85 6.65
C GLN B 70 13.35 -6.95 6.26
N MET B 71 12.26 -7.05 7.01
CA MET B 71 11.23 -8.05 6.75
C MET B 71 9.86 -7.38 6.72
N PRO B 72 9.33 -7.13 5.51
CA PRO B 72 8.00 -6.56 5.36
C PRO B 72 6.94 -7.42 6.05
N THR B 73 5.91 -6.77 6.60
CA THR B 73 4.92 -7.44 7.42
C THR B 73 3.51 -7.08 6.98
N THR B 74 2.67 -8.09 6.84
CA THR B 74 1.25 -7.89 6.58
C THR B 74 0.53 -7.72 7.92
N GLU B 75 -0.31 -6.69 8.02
CA GLU B 75 -0.95 -6.30 9.27
C GLU B 75 -2.46 -6.16 9.16
N ARG B 76 -3.15 -6.43 10.26
CA ARG B 76 -4.57 -6.09 10.44
C ARG B 76 -5.44 -6.50 9.25
N VAL B 77 -5.38 -7.80 8.93
CA VAL B 77 -6.03 -8.34 7.74
C VAL B 77 -7.46 -8.78 8.02
N THR B 78 -8.41 -8.17 7.32
CA THR B 78 -9.81 -8.58 7.38
C THR B 78 -10.40 -8.86 5.99
N LEU B 79 -9.53 -9.16 5.03
CA LEU B 79 -9.98 -9.64 3.72
C LEU B 79 -10.71 -10.97 3.90
N THR B 80 -11.96 -11.02 3.43
CA THR B 80 -12.79 -12.21 3.56
C THR B 80 -12.76 -13.06 2.29
N ARG B 81 -12.23 -12.46 1.23
CA ARG B 81 -12.11 -13.11 -0.07
C ARG B 81 -10.71 -12.88 -0.63
N CYS B 82 -10.38 -13.57 -1.71
CA CYS B 82 -9.14 -13.32 -2.44
C CYS B 82 -9.29 -12.08 -3.31
N PHE B 83 -8.32 -11.16 -3.22
CA PHE B 83 -8.34 -9.97 -4.06
C PHE B 83 -7.40 -10.12 -5.25
N TYR B 84 -7.98 -10.46 -6.40
CA TYR B 84 -7.25 -10.52 -7.67
C TYR B 84 -7.45 -9.23 -8.44
N LEU B 85 -6.35 -8.66 -8.94
CA LEU B 85 -6.39 -7.39 -9.67
C LEU B 85 -6.90 -7.52 -11.11
N PHE B 86 -6.83 -8.74 -11.65
CA PHE B 86 -7.19 -9.01 -13.05
C PHE B 86 -6.67 -7.93 -14.02
N PRO B 87 -5.34 -7.72 -14.07
CA PRO B 87 -4.79 -6.67 -14.94
C PRO B 87 -5.15 -6.88 -16.40
N GLY B 88 -5.64 -5.82 -17.05
CA GLY B 88 -6.18 -5.91 -18.41
C GLY B 88 -7.69 -5.98 -18.43
N HIS B 89 -8.29 -6.24 -17.27
CA HIS B 89 -9.74 -6.30 -17.11
C HIS B 89 -10.23 -5.22 -16.15
N VAL C 2 20.02 4.12 3.09
CA VAL C 2 19.83 4.87 4.32
C VAL C 2 18.55 4.44 4.99
N ALA C 3 18.50 4.54 6.31
CA ALA C 3 17.30 4.20 7.08
C ALA C 3 16.23 5.25 6.96
N ASP C 4 14.98 4.79 6.92
CA ASP C 4 13.82 5.67 6.88
C ASP C 4 13.24 5.98 8.28
#